data_5HIT
#
_entry.id   5HIT
#
_cell.length_a   53.624
_cell.length_b   121.137
_cell.length_c   73.855
_cell.angle_alpha   90.000
_cell.angle_beta   90.000
_cell.angle_gamma   90.000
#
_symmetry.space_group_name_H-M   'C 2 2 21'
#
loop_
_entity.id
_entity.type
_entity.pdbx_description
1 polymer Calmodulin
2 polymer 'Potassium voltage-gated channel subfamily H member 1'
3 non-polymer 'CALCIUM ION'
4 water water
#
loop_
_entity_poly.entity_id
_entity_poly.type
_entity_poly.pdbx_seq_one_letter_code
_entity_poly.pdbx_strand_id
1 'polypeptide(L)'
;ADQLTEEQIAEFKEAFSLFDKDGDGTITTKELGTVMRSLGQNPTEAELQDMINEVDADGNGTIDFPEFLTMMARKMKDTD
SEEEIREAFRVFDKDGNGYISAAELRHVMTNLGEKLTDEEVDEMIREADIDGDGQVNYEEFVQMMTA
;
A
2 'polypeptide(L)' APLILPPDHPVRRLFQR B
#
loop_
_chem_comp.id
_chem_comp.type
_chem_comp.name
_chem_comp.formula
CA non-polymer 'CALCIUM ION' 'Ca 2'
#
# COMPACT_ATOMS: atom_id res chain seq x y z
N ALA A 1 -10.02 4.23 -8.42
CA ALA A 1 -9.40 4.80 -9.62
C ALA A 1 -8.82 3.72 -10.52
N ASP A 2 -7.77 3.05 -10.02
CA ASP A 2 -7.12 1.99 -10.78
C ASP A 2 -7.73 0.64 -10.42
N GLN A 3 -8.22 -0.08 -11.42
CA GLN A 3 -8.89 -1.35 -11.20
C GLN A 3 -8.39 -2.43 -12.15
N LEU A 4 -8.69 -3.69 -11.83
CA LEU A 4 -8.30 -4.81 -12.67
C LEU A 4 -9.13 -4.86 -13.95
N THR A 5 -8.45 -4.94 -15.09
CA THR A 5 -9.14 -5.02 -16.38
C THR A 5 -9.66 -6.43 -16.61
N GLU A 6 -10.51 -6.58 -17.63
CA GLU A 6 -11.05 -7.88 -17.99
C GLU A 6 -9.94 -8.82 -18.46
N GLU A 7 -8.92 -8.25 -19.10
CA GLU A 7 -7.78 -9.01 -19.58
C GLU A 7 -7.00 -9.64 -18.44
N GLN A 8 -6.78 -8.85 -17.39
CA GLN A 8 -6.02 -9.31 -16.23
C GLN A 8 -6.77 -10.38 -15.45
N ILE A 9 -8.07 -10.17 -15.26
CA ILE A 9 -8.90 -11.13 -14.54
C ILE A 9 -8.94 -12.47 -15.26
N ALA A 10 -9.04 -12.42 -16.58
CA ALA A 10 -9.05 -13.62 -17.39
C ALA A 10 -7.73 -14.37 -17.28
N GLU A 11 -6.63 -13.61 -17.24
CA GLU A 11 -5.31 -14.20 -17.10
C GLU A 11 -5.11 -14.79 -15.70
N PHE A 12 -5.69 -14.13 -14.70
CA PHE A 12 -5.64 -14.63 -13.33
C PHE A 12 -6.41 -15.93 -13.21
N LYS A 13 -7.52 -16.03 -13.96
CA LYS A 13 -8.36 -17.22 -13.93
C LYS A 13 -7.65 -18.41 -14.56
N GLU A 14 -6.93 -18.16 -15.66
CA GLU A 14 -6.20 -19.21 -16.35
C GLU A 14 -5.00 -19.68 -15.54
N ALA A 15 -4.36 -18.76 -14.84
CA ALA A 15 -3.22 -19.10 -13.99
C ALA A 15 -3.69 -19.84 -12.74
N PHE A 16 -4.91 -19.55 -12.31
CA PHE A 16 -5.48 -20.18 -11.13
C PHE A 16 -5.84 -21.64 -11.41
N SER A 17 -6.51 -21.87 -12.54
CA SER A 17 -7.00 -23.20 -12.88
C SER A 17 -5.91 -24.10 -13.47
N LEU A 18 -4.81 -23.50 -13.92
CA LEU A 18 -3.70 -24.26 -14.49
C LEU A 18 -3.00 -25.11 -13.44
N PHE A 19 -3.09 -24.67 -12.18
CA PHE A 19 -2.40 -25.36 -11.09
C PHE A 19 -3.39 -25.82 -10.03
N ASP A 20 -4.64 -26.01 -10.43
CA ASP A 20 -5.66 -26.57 -9.57
C ASP A 20 -5.84 -28.05 -9.92
N LYS A 21 -5.25 -28.92 -9.10
CA LYS A 21 -5.21 -30.36 -9.38
C LYS A 21 -6.60 -30.98 -9.52
N ASP A 22 -7.50 -30.61 -8.62
CA ASP A 22 -8.88 -31.07 -8.70
C ASP A 22 -9.74 -30.06 -9.45
N GLY A 23 -10.98 -30.42 -9.71
CA GLY A 23 -11.92 -29.53 -10.38
C GLY A 23 -12.78 -28.79 -9.37
N ASP A 24 -12.30 -28.70 -8.14
CA ASP A 24 -13.05 -28.07 -7.06
C ASP A 24 -13.04 -26.54 -7.17
N GLY A 25 -11.95 -26.00 -7.70
CA GLY A 25 -11.81 -24.56 -7.84
C GLY A 25 -11.15 -23.93 -6.63
N THR A 26 -10.59 -24.77 -5.77
CA THR A 26 -9.92 -24.30 -4.57
C THR A 26 -8.49 -24.84 -4.49
N ILE A 27 -7.52 -23.93 -4.48
CA ILE A 27 -6.12 -24.33 -4.45
C ILE A 27 -5.51 -24.17 -3.05
N THR A 28 -4.41 -24.87 -2.81
CA THR A 28 -3.75 -24.84 -1.51
C THR A 28 -2.70 -23.75 -1.44
N THR A 29 -1.89 -23.77 -0.39
CA THR A 29 -0.83 -22.81 -0.22
C THR A 29 0.31 -23.09 -1.20
N LYS A 30 0.67 -24.36 -1.32
CA LYS A 30 1.72 -24.80 -2.24
C LYS A 30 1.34 -24.50 -3.69
N GLU A 31 0.08 -24.75 -4.03
CA GLU A 31 -0.40 -24.51 -5.38
C GLU A 31 -0.51 -23.01 -5.67
N LEU A 32 -0.78 -22.23 -4.63
CA LEU A 32 -0.87 -20.78 -4.77
C LEU A 32 0.47 -20.18 -5.16
N GLY A 33 1.55 -20.77 -4.65
CA GLY A 33 2.89 -20.31 -4.97
C GLY A 33 3.23 -20.48 -6.43
N THR A 34 2.82 -21.61 -7.00
CA THR A 34 3.08 -21.90 -8.40
C THR A 34 2.30 -20.94 -9.29
N VAL A 35 1.11 -20.55 -8.84
CA VAL A 35 0.30 -19.57 -9.54
C VAL A 35 0.99 -18.21 -9.55
N MET A 36 1.56 -17.84 -8.41
CA MET A 36 2.27 -16.58 -8.28
C MET A 36 3.52 -16.53 -9.15
N ARG A 37 4.22 -17.66 -9.24
CA ARG A 37 5.43 -17.73 -10.06
C ARG A 37 5.11 -17.70 -11.55
N SER A 38 3.88 -18.07 -11.90
CA SER A 38 3.44 -18.01 -13.29
C SER A 38 3.03 -16.58 -13.65
N LEU A 39 2.77 -15.78 -12.62
CA LEU A 39 2.38 -14.39 -12.80
C LEU A 39 3.57 -13.45 -12.72
N GLY A 40 4.77 -14.02 -12.76
CA GLY A 40 5.99 -13.24 -12.78
C GLY A 40 6.43 -12.72 -11.43
N GLN A 41 6.00 -13.38 -10.37
CA GLN A 41 6.39 -13.00 -9.02
C GLN A 41 7.06 -14.16 -8.29
N ASN A 42 7.54 -13.92 -7.07
CA ASN A 42 8.19 -14.95 -6.29
C ASN A 42 8.08 -14.70 -4.79
N PRO A 43 6.93 -15.04 -4.20
CA PRO A 43 6.73 -14.92 -2.76
C PRO A 43 7.35 -16.09 -2.00
N THR A 44 7.45 -15.98 -0.69
CA THR A 44 8.08 -17.01 0.13
C THR A 44 7.05 -17.79 0.95
N GLU A 45 7.54 -18.60 1.89
CA GLU A 45 6.67 -19.42 2.72
C GLU A 45 5.69 -18.60 3.56
N ALA A 46 6.22 -17.67 4.34
CA ALA A 46 5.41 -16.85 5.23
C ALA A 46 4.46 -15.95 4.45
N GLU A 47 4.95 -15.41 3.33
CA GLU A 47 4.16 -14.53 2.49
C GLU A 47 2.95 -15.24 1.90
N LEU A 48 3.17 -16.46 1.42
CA LEU A 48 2.09 -17.28 0.88
C LEU A 48 1.09 -17.65 1.97
N GLN A 49 1.60 -17.89 3.18
CA GLN A 49 0.75 -18.29 4.30
C GLN A 49 -0.05 -17.10 4.83
N ASP A 50 0.52 -15.90 4.72
CA ASP A 50 -0.17 -14.69 5.16
C ASP A 50 -1.24 -14.27 4.16
N MET A 51 -0.99 -14.55 2.88
CA MET A 51 -1.95 -14.23 1.83
C MET A 51 -3.16 -15.16 1.85
N ILE A 52 -2.92 -16.43 2.17
CA ILE A 52 -3.99 -17.42 2.16
C ILE A 52 -4.89 -17.33 3.39
N ASN A 53 -4.35 -16.79 4.48
CA ASN A 53 -5.12 -16.61 5.70
C ASN A 53 -5.83 -15.26 5.76
N GLU A 54 -5.36 -14.32 4.95
CA GLU A 54 -5.98 -13.01 4.86
C GLU A 54 -7.32 -13.09 4.13
N VAL A 55 -7.43 -14.05 3.23
CA VAL A 55 -8.66 -14.27 2.47
C VAL A 55 -9.28 -15.63 2.82
N ASP A 56 -8.94 -16.16 3.98
CA ASP A 56 -9.43 -17.45 4.46
C ASP A 56 -9.20 -18.60 3.49
N ASN A 60 -10.02 -24.87 6.09
CA ASN A 60 -8.68 -25.34 5.76
C ASN A 60 -7.87 -24.30 5.01
N GLY A 61 -6.58 -24.55 4.86
CA GLY A 61 -5.68 -23.66 4.15
C GLY A 61 -5.90 -23.74 2.65
N THR A 62 -7.02 -23.21 2.19
CA THR A 62 -7.36 -23.26 0.78
C THR A 62 -8.23 -22.06 0.38
N ILE A 63 -8.11 -21.63 -0.87
CA ILE A 63 -8.86 -20.49 -1.38
C ILE A 63 -9.43 -20.75 -2.77
N ASP A 64 -10.61 -20.19 -3.04
CA ASP A 64 -11.20 -20.26 -4.36
C ASP A 64 -10.87 -18.99 -5.14
N PHE A 65 -11.23 -18.96 -6.42
CA PHE A 65 -10.89 -17.83 -7.29
C PHE A 65 -11.44 -16.46 -6.86
N PRO A 66 -12.71 -16.38 -6.41
CA PRO A 66 -13.20 -15.07 -5.94
C PRO A 66 -12.36 -14.50 -4.80
N GLU A 67 -11.90 -15.37 -3.89
CA GLU A 67 -11.01 -14.94 -2.81
C GLU A 67 -9.63 -14.61 -3.36
N PHE A 68 -9.22 -15.35 -4.38
CA PHE A 68 -7.93 -15.11 -5.03
C PHE A 68 -7.91 -13.76 -5.75
N LEU A 69 -9.01 -13.45 -6.43
CA LEU A 69 -9.13 -12.19 -7.16
C LEU A 69 -9.16 -11.02 -6.18
N THR A 70 -9.73 -11.26 -5.00
CA THR A 70 -9.76 -10.27 -3.94
C THR A 70 -8.34 -9.95 -3.48
N MET A 71 -7.54 -11.00 -3.30
CA MET A 71 -6.15 -10.85 -2.87
C MET A 71 -5.32 -10.11 -3.93
N MET A 72 -5.60 -10.39 -5.20
CA MET A 72 -4.89 -9.75 -6.28
C MET A 72 -5.28 -8.28 -6.41
N ALA A 73 -6.53 -7.98 -6.08
CA ALA A 73 -7.02 -6.60 -6.12
C ALA A 73 -6.37 -5.77 -5.02
N ARG A 74 -6.22 -6.38 -3.85
CA ARG A 74 -5.58 -5.71 -2.71
C ARG A 74 -4.11 -5.44 -2.99
N LYS A 75 -3.46 -6.35 -3.71
CA LYS A 75 -2.08 -6.17 -4.13
C LYS A 75 -1.97 -4.94 -5.03
N MET A 76 -2.94 -4.79 -5.93
CA MET A 76 -2.98 -3.64 -6.83
C MET A 76 -3.20 -2.36 -6.04
N LYS A 77 -4.05 -2.43 -5.03
CA LYS A 77 -4.34 -1.27 -4.18
C LYS A 77 -3.11 -0.87 -3.38
N ASP A 78 -2.36 -1.86 -2.90
CA ASP A 78 -1.19 -1.62 -2.07
C ASP A 78 -0.01 -1.08 -2.87
N THR A 79 0.19 -1.63 -4.07
CA THR A 79 1.32 -1.21 -4.91
C THR A 79 1.10 0.20 -5.47
N ASP A 80 -0.16 0.62 -5.54
CA ASP A 80 -0.49 1.97 -5.99
C ASP A 80 -0.32 2.96 -4.85
N SER A 81 -0.64 2.52 -3.64
CA SER A 81 -0.47 3.36 -2.45
C SER A 81 1.00 3.51 -2.13
N GLU A 82 1.79 2.49 -2.42
CA GLU A 82 3.22 2.50 -2.15
C GLU A 82 3.94 3.56 -2.97
N GLU A 83 3.57 3.68 -4.23
CA GLU A 83 4.21 4.66 -5.11
C GLU A 83 3.73 6.08 -4.84
N GLU A 84 2.45 6.21 -4.46
CA GLU A 84 1.89 7.52 -4.13
C GLU A 84 2.51 8.08 -2.85
N ILE A 85 2.81 7.20 -1.90
CA ILE A 85 3.54 7.58 -0.69
C ILE A 85 4.95 7.99 -1.08
N ARG A 86 5.53 7.26 -2.03
CA ARG A 86 6.85 7.58 -2.55
C ARG A 86 6.81 8.91 -3.30
N GLU A 87 5.71 9.15 -4.01
CA GLU A 87 5.52 10.41 -4.72
C GLU A 87 5.37 11.56 -3.73
N ALA A 88 4.57 11.34 -2.70
CA ALA A 88 4.29 12.37 -1.70
C ALA A 88 5.54 12.77 -0.94
N PHE A 89 6.39 11.80 -0.62
CA PHE A 89 7.60 12.05 0.14
C PHE A 89 8.52 13.05 -0.56
N ARG A 90 8.63 12.94 -1.88
CA ARG A 90 9.45 13.86 -2.66
C ARG A 90 8.85 15.26 -2.66
N VAL A 91 7.53 15.34 -2.50
CA VAL A 91 6.84 16.61 -2.44
C VAL A 91 6.99 17.24 -1.07
N PHE A 92 6.78 16.44 -0.02
CA PHE A 92 6.93 16.90 1.36
C PHE A 92 8.38 17.34 1.63
N ASP A 93 9.33 16.60 1.07
CA ASP A 93 10.75 16.93 1.21
C ASP A 93 11.09 18.05 0.24
N LYS A 94 10.79 19.28 0.63
CA LYS A 94 10.92 20.45 -0.23
C LYS A 94 12.34 20.73 -0.70
N ASP A 95 13.32 20.56 0.19
CA ASP A 95 14.71 20.84 -0.15
C ASP A 95 15.41 19.60 -0.74
N GLY A 96 14.77 18.45 -0.61
CA GLY A 96 15.30 17.21 -1.18
C GLY A 96 16.51 16.66 -0.45
N ASN A 97 16.54 16.83 0.87
CA ASN A 97 17.66 16.35 1.67
C ASN A 97 17.42 14.94 2.21
N GLY A 98 16.24 14.40 1.93
CA GLY A 98 15.91 13.04 2.35
C GLY A 98 15.20 12.99 3.68
N TYR A 99 14.85 14.15 4.21
CA TYR A 99 14.15 14.23 5.50
C TYR A 99 12.99 15.22 5.43
N ILE A 100 12.04 15.05 6.33
CA ILE A 100 10.88 15.95 6.42
C ILE A 100 10.87 16.70 7.74
N SER A 101 11.12 18.00 7.68
CA SER A 101 11.11 18.84 8.88
C SER A 101 9.69 19.25 9.22
N ALA A 102 9.51 19.84 10.40
CA ALA A 102 8.21 20.33 10.82
C ALA A 102 7.79 21.53 9.98
N ALA A 103 8.77 22.28 9.49
CA ALA A 103 8.50 23.44 8.64
C ALA A 103 8.02 22.99 7.26
N GLU A 104 8.64 21.94 6.74
CA GLU A 104 8.25 21.38 5.45
C GLU A 104 6.87 20.75 5.52
N LEU A 105 6.58 20.08 6.63
CA LEU A 105 5.29 19.44 6.83
C LEU A 105 4.16 20.47 6.89
N ARG A 106 4.41 21.57 7.59
CA ARG A 106 3.41 22.62 7.75
C ARG A 106 3.13 23.35 6.44
N HIS A 107 4.18 23.52 5.63
CA HIS A 107 4.06 24.21 4.35
C HIS A 107 3.23 23.42 3.35
N VAL A 108 3.52 22.12 3.24
CA VAL A 108 2.83 21.25 2.30
C VAL A 108 1.37 21.05 2.72
N MET A 109 1.14 20.94 4.03
CA MET A 109 -0.20 20.77 4.56
C MET A 109 -1.08 21.98 4.26
N THR A 110 -0.47 23.16 4.23
CA THR A 110 -1.19 24.39 3.91
C THR A 110 -1.72 24.37 2.49
N ASN A 111 -0.90 23.88 1.56
CA ASN A 111 -1.28 23.80 0.16
C ASN A 111 -2.33 22.71 -0.10
N LEU A 112 -2.50 21.83 0.89
CA LEU A 112 -3.46 20.73 0.75
C LEU A 112 -4.70 20.93 1.61
N GLY A 113 -5.02 22.19 1.89
CA GLY A 113 -6.21 22.53 2.65
C GLY A 113 -6.21 22.00 4.07
N GLU A 114 -5.02 21.81 4.63
CA GLU A 114 -4.87 21.31 5.98
C GLU A 114 -4.16 22.33 6.88
N LYS A 115 -4.96 23.18 7.54
CA LYS A 115 -4.41 24.20 8.42
C LYS A 115 -4.34 23.70 9.86
N LEU A 116 -3.15 23.33 10.30
CA LEU A 116 -2.95 22.84 11.65
C LEU A 116 -2.06 23.80 12.44
N THR A 117 -2.20 23.78 13.76
CA THR A 117 -1.38 24.62 14.63
C THR A 117 0.06 24.12 14.64
N ASP A 118 0.99 24.96 15.06
CA ASP A 118 2.39 24.60 15.12
C ASP A 118 2.63 23.47 16.12
N GLU A 119 1.77 23.39 17.13
CA GLU A 119 1.87 22.33 18.14
C GLU A 119 1.44 20.98 17.56
N GLU A 120 0.38 21.00 16.76
CA GLU A 120 -0.13 19.79 16.11
C GLU A 120 0.88 19.22 15.13
N VAL A 121 1.60 20.10 14.44
CA VAL A 121 2.64 19.68 13.51
C VAL A 121 3.79 19.02 14.26
N ASP A 122 4.16 19.63 15.39
CA ASP A 122 5.23 19.10 16.23
C ASP A 122 4.87 17.72 16.78
N GLU A 123 3.57 17.50 17.01
CA GLU A 123 3.09 16.23 17.53
C GLU A 123 3.21 15.13 16.48
N MET A 124 2.81 15.45 15.25
CA MET A 124 2.87 14.50 14.15
C MET A 124 4.31 14.09 13.83
N ILE A 125 5.22 15.06 13.92
CA ILE A 125 6.64 14.79 13.73
C ILE A 125 7.16 13.93 14.87
N ARG A 126 6.80 14.31 16.09
CA ARG A 126 7.24 13.61 17.30
C ARG A 126 6.69 12.19 17.31
N GLU A 127 5.52 11.99 16.71
CA GLU A 127 4.86 10.70 16.70
C GLU A 127 5.49 9.75 15.67
N ALA A 128 5.96 10.31 14.57
CA ALA A 128 6.52 9.52 13.48
C ALA A 128 8.04 9.40 13.55
N ASP A 129 8.66 10.13 14.48
CA ASP A 129 10.11 10.14 14.61
C ASP A 129 10.59 9.01 15.53
N ILE A 130 11.02 7.90 14.93
CA ILE A 130 11.45 6.74 15.69
C ILE A 130 12.89 6.86 16.20
N ASP A 131 13.82 7.17 15.29
CA ASP A 131 15.23 7.24 15.65
C ASP A 131 15.58 8.53 16.39
N GLY A 132 14.61 9.43 16.46
CA GLY A 132 14.77 10.67 17.21
C GLY A 132 15.79 11.63 16.64
N ASP A 133 15.82 11.74 15.32
CA ASP A 133 16.72 12.68 14.65
C ASP A 133 16.14 14.08 14.64
N GLY A 134 14.84 14.17 14.82
CA GLY A 134 14.14 15.44 14.79
C GLY A 134 13.30 15.60 13.53
N GLN A 135 13.66 14.84 12.50
CA GLN A 135 12.95 14.91 11.22
C GLN A 135 12.53 13.52 10.76
N VAL A 136 11.56 13.47 9.85
CA VAL A 136 11.02 12.21 9.36
C VAL A 136 11.61 11.81 8.01
N ASN A 137 12.33 10.69 8.00
CA ASN A 137 12.87 10.16 6.75
C ASN A 137 11.85 9.27 6.05
N TYR A 138 12.25 8.65 4.95
CA TYR A 138 11.32 7.84 4.16
C TYR A 138 10.77 6.64 4.91
N GLU A 139 11.63 5.95 5.66
CA GLU A 139 11.22 4.78 6.42
C GLU A 139 10.16 5.13 7.46
N GLU A 140 10.39 6.22 8.18
CA GLU A 140 9.45 6.69 9.19
C GLU A 140 8.18 7.25 8.55
N PHE A 141 8.31 7.73 7.31
CA PHE A 141 7.18 8.30 6.60
C PHE A 141 6.21 7.21 6.15
N VAL A 142 6.74 6.08 5.71
CA VAL A 142 5.93 4.96 5.26
C VAL A 142 5.04 4.43 6.39
N GLN A 143 5.63 4.25 7.57
CA GLN A 143 4.88 3.78 8.73
C GLN A 143 3.82 4.80 9.13
N MET A 144 4.16 6.07 8.95
CA MET A 144 3.25 7.17 9.28
C MET A 144 2.04 7.17 8.34
N MET A 145 2.28 6.84 7.08
CA MET A 145 1.22 6.86 6.07
C MET A 145 0.41 5.58 6.05
N THR A 146 1.05 4.47 6.37
CA THR A 146 0.38 3.17 6.38
C THR A 146 -0.57 3.04 7.57
N ALA A 147 -0.05 3.34 8.76
CA ALA A 147 -0.82 3.27 10.00
C ALA A 147 -1.46 1.90 10.22
N ALA B 1 -6.11 29.01 -3.40
CA ALA B 1 -6.77 27.78 -3.81
C ALA B 1 -5.90 26.57 -3.52
N PRO B 2 -6.34 25.71 -2.57
CA PRO B 2 -5.59 24.51 -2.19
C PRO B 2 -5.71 23.41 -3.25
N LEU B 3 -4.80 22.44 -3.20
CA LEU B 3 -4.81 21.33 -4.17
C LEU B 3 -5.92 20.34 -3.89
N ILE B 4 -6.46 19.75 -4.94
CA ILE B 4 -7.52 18.76 -4.83
C ILE B 4 -6.97 17.34 -4.96
N LEU B 5 -6.99 16.59 -3.87
CA LEU B 5 -6.49 15.22 -3.87
C LEU B 5 -7.62 14.23 -4.09
N PRO B 6 -7.33 13.13 -4.82
CA PRO B 6 -8.26 12.03 -5.00
C PRO B 6 -8.68 11.43 -3.66
N PRO B 7 -9.90 10.90 -3.58
CA PRO B 7 -10.42 10.34 -2.33
C PRO B 7 -9.64 9.11 -1.86
N ASP B 8 -9.00 8.41 -2.80
CA ASP B 8 -8.25 7.20 -2.48
C ASP B 8 -6.77 7.49 -2.32
N HIS B 9 -6.43 8.71 -1.94
CA HIS B 9 -5.03 9.10 -1.75
C HIS B 9 -4.63 8.97 -0.29
N PRO B 10 -3.46 8.37 -0.03
CA PRO B 10 -2.95 8.14 1.32
C PRO B 10 -2.78 9.44 2.11
N VAL B 11 -2.44 10.52 1.42
CA VAL B 11 -2.26 11.82 2.07
C VAL B 11 -3.59 12.32 2.65
N ARG B 12 -4.67 12.10 1.93
CA ARG B 12 -5.99 12.47 2.41
C ARG B 12 -6.39 11.60 3.59
N ARG B 13 -5.86 10.38 3.63
CA ARG B 13 -6.11 9.48 4.75
C ARG B 13 -5.30 9.92 5.96
N LEU B 14 -4.28 10.74 5.73
CA LEU B 14 -3.47 11.31 6.80
C LEU B 14 -4.19 12.51 7.40
N PHE B 15 -5.06 13.14 6.60
CA PHE B 15 -5.85 14.27 7.07
C PHE B 15 -6.79 13.85 8.18
N GLN B 16 -7.17 12.57 8.17
CA GLN B 16 -8.07 12.02 9.17
C GLN B 16 -7.44 12.03 10.56
N ARG B 17 -7.27 13.23 11.12
CA ARG B 17 -6.68 13.40 12.45
C ARG B 17 -5.31 12.74 12.58
CA CA C . 13.64 18.16 3.91
CA CA D . 13.80 10.38 12.07
#